data_6U79
#
_entry.id   6U79
#
_entity_poly.entity_id   1
_entity_poly.type   'polyribonucleotide'
_entity_poly.pdbx_seq_one_letter_code
;GGUUUCUUAGCACGAAGAUCUCGAUGUCUAAGAAACC
;
_entity_poly.pdbx_strand_id   A
#
loop_
_chem_comp.id
_chem_comp.type
_chem_comp.name
_chem_comp.formula
A RNA linking ADENOSINE-5'-MONOPHOSPHATE 'C10 H14 N5 O7 P'
C RNA linking CYTIDINE-5'-MONOPHOSPHATE 'C9 H14 N3 O8 P'
G RNA linking GUANOSINE-5'-MONOPHOSPHATE 'C10 H14 N5 O8 P'
U RNA linking URIDINE-5'-MONOPHOSPHATE 'C9 H13 N2 O9 P'
#